data_4K21
#
_entry.id   4K21
#
_cell.length_a   64.970
_cell.length_b   66.590
_cell.length_c   108.770
_cell.angle_alpha   90.000
_cell.angle_beta   90.000
_cell.angle_gamma   90.000
#
_symmetry.space_group_name_H-M   'I 2 2 2'
#
loop_
_entity.id
_entity.type
_entity.pdbx_description
1 polymer 'Canavalia boliviana lectin'
2 non-polymer 'MANGANESE (II) ION'
3 non-polymer 'CALCIUM ION'
4 non-polymer '5-bromo-4-chloro-1H-indol-3-yl alpha-D-mannopyranoside'
5 water water
#
_entity_poly.entity_id   1
_entity_poly.type   'polypeptide(L)'
_entity_poly.pdbx_seq_one_letter_code
;ADTIVAVELDTYPNTDIGDPSYPHIGIDIKSVRSKKTAKWNMQNGKVGTAHIIYNSVGKRLSAVVSYPNGDSATVSYDVD
LDNVLPEWVRVGLSATTGLYKETNTILSWSFTSKLKSNSTHETNALHFMFNQFSKDQKDLILQGDATTGRDGNLELTRVS
SNGSPQGSSVGRALFYAPVHIWESSAVVASFDATFTFLIKSSDSHPADGIAFFISNIDSSIPSGSTGRLLGLFPDAN
;
_entity_poly.pdbx_strand_id   A
#
# COMPACT_ATOMS: atom_id res chain seq x y z
N ALA A 1 -9.52 13.19 -11.25
CA ALA A 1 -9.17 12.40 -10.08
C ALA A 1 -7.84 11.70 -10.28
N ASP A 2 -7.25 11.26 -9.17
CA ASP A 2 -5.99 10.53 -9.22
C ASP A 2 -6.19 9.21 -9.94
N THR A 3 -5.08 8.62 -10.38
CA THR A 3 -5.07 7.28 -10.92
C THR A 3 -4.36 6.42 -9.90
N ILE A 4 -5.02 5.37 -9.44
CA ILE A 4 -4.51 4.57 -8.33
C ILE A 4 -4.44 3.09 -8.70
N VAL A 5 -3.31 2.48 -8.39
CA VAL A 5 -3.17 1.03 -8.39
C VAL A 5 -2.71 0.66 -7.00
N ALA A 6 -3.38 -0.29 -6.37
CA ALA A 6 -3.07 -0.57 -4.97
C ALA A 6 -3.22 -2.04 -4.62
N VAL A 7 -2.47 -2.45 -3.59
CA VAL A 7 -2.71 -3.72 -2.93
C VAL A 7 -3.24 -3.39 -1.55
N GLU A 8 -4.45 -3.88 -1.27
CA GLU A 8 -5.10 -3.57 0.01
C GLU A 8 -5.02 -4.74 0.95
N LEU A 9 -4.73 -4.43 2.21
CA LEU A 9 -4.88 -5.37 3.33
C LEU A 9 -6.09 -4.84 4.07
N ASP A 10 -7.24 -5.42 3.73
CA ASP A 10 -8.53 -4.88 4.14
C ASP A 10 -9.05 -5.63 5.36
N THR A 11 -9.05 -4.98 6.51
CA THR A 11 -9.39 -5.65 7.75
C THR A 11 -10.87 -5.67 8.09
N TYR A 12 -11.67 -4.92 7.33
CA TYR A 12 -13.09 -4.75 7.68
C TYR A 12 -14.02 -4.98 6.46
N PRO A 13 -14.99 -5.89 6.59
CA PRO A 13 -15.76 -6.23 5.40
C PRO A 13 -16.87 -5.22 5.14
N ASN A 14 -16.78 -4.49 4.03
CA ASN A 14 -17.85 -3.58 3.63
C ASN A 14 -18.57 -4.21 2.45
N THR A 15 -19.59 -5.01 2.72
CA THR A 15 -20.20 -5.78 1.63
C THR A 15 -20.89 -4.91 0.60
N ASP A 16 -21.29 -3.70 0.99
CA ASP A 16 -21.96 -2.77 0.08
C ASP A 16 -21.06 -2.36 -1.09
N ILE A 17 -19.75 -2.46 -0.91
CA ILE A 17 -18.81 -2.09 -1.96
C ILE A 17 -18.06 -3.32 -2.47
N GLY A 18 -18.66 -4.49 -2.30
CA GLY A 18 -18.12 -5.70 -2.88
C GLY A 18 -17.11 -6.49 -2.07
N ASP A 19 -16.77 -6.02 -0.86
CA ASP A 19 -15.88 -6.79 -0.02
C ASP A 19 -16.55 -8.13 0.24
N PRO A 20 -15.75 -9.21 0.28
CA PRO A 20 -16.27 -10.45 0.84
C PRO A 20 -16.52 -10.27 2.34
N SER A 21 -17.26 -11.19 2.96
CA SER A 21 -17.64 -11.04 4.37
C SER A 21 -16.55 -11.53 5.32
N TYR A 22 -15.32 -11.09 5.07
CA TYR A 22 -14.18 -11.46 5.91
C TYR A 22 -13.02 -10.54 5.57
N PRO A 23 -12.04 -10.41 6.48
CA PRO A 23 -10.84 -9.65 6.11
C PRO A 23 -10.17 -10.34 4.91
N HIS A 24 -9.52 -9.56 4.07
CA HIS A 24 -9.03 -10.07 2.82
C HIS A 24 -7.92 -9.20 2.29
N ILE A 25 -7.14 -9.75 1.39
CA ILE A 25 -6.20 -8.94 0.64
CA ILE A 25 -6.16 -9.00 0.62
C ILE A 25 -6.74 -8.80 -0.77
N GLY A 26 -6.45 -7.67 -1.41
CA GLY A 26 -7.05 -7.39 -2.70
C GLY A 26 -6.17 -6.59 -3.61
N ILE A 27 -6.42 -6.70 -4.91
CA ILE A 27 -5.71 -5.90 -5.92
C ILE A 27 -6.72 -4.90 -6.48
N ASP A 28 -6.39 -3.62 -6.37
CA ASP A 28 -7.32 -2.56 -6.72
C ASP A 28 -6.75 -1.79 -7.92
N ILE A 29 -7.49 -1.81 -9.02
CA ILE A 29 -7.04 -1.07 -10.19
C ILE A 29 -8.08 0.00 -10.49
N LYS A 30 -7.77 1.24 -10.08
CA LYS A 30 -8.60 2.42 -10.34
C LYS A 30 -9.98 2.37 -9.68
N SER A 31 -10.14 1.47 -8.71
CA SER A 31 -11.38 1.35 -7.97
C SER A 31 -11.13 0.66 -6.64
N VAL A 32 -11.86 1.08 -5.61
CA VAL A 32 -11.82 0.41 -4.32
C VAL A 32 -12.45 -0.99 -4.38
N ARG A 33 -13.27 -1.24 -5.41
CA ARG A 33 -13.86 -2.56 -5.60
C ARG A 33 -12.83 -3.49 -6.23
N SER A 34 -12.14 -4.27 -5.39
CA SER A 34 -10.99 -5.04 -5.85
C SER A 34 -11.31 -5.91 -7.07
N LYS A 35 -10.35 -5.98 -7.98
CA LYS A 35 -10.47 -6.85 -9.14
C LYS A 35 -10.33 -8.31 -8.74
N LYS A 36 -9.60 -8.56 -7.66
CA LYS A 36 -9.39 -9.91 -7.14
C LYS A 36 -9.12 -9.82 -5.65
N THR A 37 -9.65 -10.76 -4.88
CA THR A 37 -9.38 -10.80 -3.44
C THR A 37 -9.06 -12.22 -3.00
N ALA A 38 -8.47 -12.33 -1.82
CA ALA A 38 -8.28 -13.62 -1.16
C ALA A 38 -8.52 -13.44 0.32
N LYS A 39 -9.12 -14.46 0.93
CA LYS A 39 -9.36 -14.45 2.39
C LYS A 39 -8.05 -14.27 3.14
N TRP A 40 -8.05 -13.40 4.15
CA TRP A 40 -6.86 -13.11 4.93
C TRP A 40 -7.19 -13.23 6.41
N ASN A 41 -6.46 -14.10 7.10
CA ASN A 41 -6.66 -14.25 8.54
C ASN A 41 -5.68 -13.31 9.24
N MET A 42 -6.13 -12.08 9.49
CA MET A 42 -5.34 -11.03 10.18
C MET A 42 -5.11 -11.43 11.63
N GLN A 43 -3.85 -11.41 12.05
CA GLN A 43 -3.49 -11.79 13.42
C GLN A 43 -3.31 -10.56 14.29
N ASN A 44 -4.31 -10.29 15.12
CA ASN A 44 -4.29 -9.11 15.98
C ASN A 44 -3.01 -9.03 16.82
N GLY A 45 -2.31 -7.91 16.69
CA GLY A 45 -1.14 -7.65 17.51
C GLY A 45 0.16 -8.31 17.05
N LYS A 46 0.12 -9.04 15.94
CA LYS A 46 1.32 -9.69 15.45
C LYS A 46 1.90 -8.87 14.30
N VAL A 47 3.20 -9.01 14.04
CA VAL A 47 3.85 -8.32 12.92
C VAL A 47 3.71 -9.12 11.63
N GLY A 48 3.05 -8.53 10.65
CA GLY A 48 2.88 -9.20 9.36
C GLY A 48 3.83 -8.61 8.33
N THR A 49 4.00 -9.34 7.24
CA THR A 49 4.84 -8.87 6.13
C THR A 49 4.07 -9.00 4.84
N ALA A 50 4.02 -7.92 4.06
CA ALA A 50 3.41 -7.95 2.72
C ALA A 50 4.51 -7.82 1.67
N HIS A 51 4.46 -8.67 0.65
CA HIS A 51 5.35 -8.56 -0.51
C HIS A 51 4.48 -8.33 -1.74
N ILE A 52 4.88 -7.37 -2.57
CA ILE A 52 4.15 -7.07 -3.80
C ILE A 52 5.15 -7.14 -4.94
N ILE A 53 4.78 -7.81 -6.04
CA ILE A 53 5.73 -8.08 -7.14
C ILE A 53 5.04 -7.87 -8.48
N TYR A 54 5.74 -7.26 -9.44
CA TYR A 54 5.19 -7.07 -10.79
C TYR A 54 6.30 -6.95 -11.82
N ASN A 55 6.09 -7.48 -13.02
CA ASN A 55 6.98 -7.06 -14.12
C ASN A 55 6.19 -6.96 -15.40
N SER A 56 6.68 -6.11 -16.31
CA SER A 56 5.95 -5.78 -17.52
C SER A 56 5.95 -6.90 -18.55
N VAL A 57 6.79 -7.90 -18.35
CA VAL A 57 6.84 -9.00 -19.30
C VAL A 57 5.69 -9.97 -19.01
N GLY A 58 5.66 -10.46 -17.78
CA GLY A 58 4.59 -11.36 -17.35
C GLY A 58 3.22 -10.71 -17.19
N LYS A 59 3.19 -9.40 -16.89
CA LYS A 59 1.93 -8.64 -16.76
C LYS A 59 1.03 -9.27 -15.72
N ARG A 60 1.62 -9.54 -14.56
CA ARG A 60 0.87 -10.15 -13.46
CA ARG A 60 0.87 -10.16 -13.46
C ARG A 60 1.29 -9.47 -12.17
N LEU A 61 0.32 -8.83 -11.52
CA LEU A 61 0.58 -8.18 -10.22
C LEU A 61 0.27 -9.17 -9.13
N SER A 62 1.22 -9.41 -8.23
CA SER A 62 0.99 -10.41 -7.19
C SER A 62 1.30 -9.84 -5.81
N ALA A 63 0.60 -10.35 -4.80
CA ALA A 63 0.89 -9.96 -3.44
C ALA A 63 0.73 -11.17 -2.54
N VAL A 64 1.58 -11.24 -1.52
CA VAL A 64 1.43 -12.25 -0.46
C VAL A 64 1.59 -11.55 0.88
N VAL A 65 0.76 -11.95 1.83
CA VAL A 65 0.86 -11.42 3.18
CA VAL A 65 0.86 -11.42 3.18
C VAL A 65 1.00 -12.59 4.14
N SER A 66 2.00 -12.49 5.02
CA SER A 66 2.31 -13.60 5.92
C SER A 66 2.60 -13.14 7.34
N TYR A 67 2.49 -14.09 8.27
CA TYR A 67 2.87 -13.88 9.66
C TYR A 67 3.93 -14.93 10.04
N PRO A 68 4.65 -14.70 11.14
CA PRO A 68 5.73 -15.61 11.50
C PRO A 68 5.28 -17.05 11.77
N ASN A 69 4.02 -17.26 12.11
CA ASN A 69 3.55 -18.61 12.39
C ASN A 69 3.33 -19.43 11.13
N GLY A 70 3.53 -18.80 9.98
CA GLY A 70 3.52 -19.50 8.70
C GLY A 70 2.26 -19.32 7.89
N ASP A 71 1.23 -18.74 8.49
CA ASP A 71 -0.02 -18.50 7.78
CA ASP A 71 -0.01 -18.49 7.78
C ASP A 71 0.19 -17.41 6.73
N SER A 72 -0.33 -17.64 5.53
CA SER A 72 -0.22 -16.62 4.50
C SER A 72 -1.42 -16.60 3.57
N ALA A 73 -1.62 -15.47 2.90
CA ALA A 73 -2.65 -15.32 1.90
C ALA A 73 -2.02 -14.66 0.68
N THR A 74 -2.45 -15.09 -0.50
CA THR A 74 -1.89 -14.61 -1.75
CA THR A 74 -1.89 -14.55 -1.74
C THR A 74 -2.98 -14.18 -2.72
N VAL A 75 -2.70 -13.18 -3.55
CA VAL A 75 -3.62 -12.77 -4.61
C VAL A 75 -2.80 -12.31 -5.82
N SER A 76 -3.23 -12.68 -7.02
CA SER A 76 -2.56 -12.24 -8.24
C SER A 76 -3.61 -11.82 -9.26
N TYR A 77 -3.24 -10.89 -10.14
CA TYR A 77 -4.18 -10.38 -11.13
C TYR A 77 -3.41 -10.02 -12.38
N ASP A 78 -3.92 -10.47 -13.54
CA ASP A 78 -3.27 -10.15 -14.81
C ASP A 78 -3.60 -8.72 -15.19
N VAL A 79 -2.57 -7.90 -15.39
CA VAL A 79 -2.77 -6.48 -15.66
C VAL A 79 -1.50 -5.96 -16.30
N ASP A 80 -1.67 -5.16 -17.35
CA ASP A 80 -0.54 -4.49 -17.99
C ASP A 80 -0.50 -3.05 -17.50
N LEU A 81 0.35 -2.80 -16.50
CA LEU A 81 0.36 -1.48 -15.86
C LEU A 81 0.83 -0.37 -16.81
N ASP A 82 1.57 -0.72 -17.86
CA ASP A 82 1.93 0.22 -18.93
C ASP A 82 0.68 0.94 -19.45
N ASN A 83 -0.47 0.24 -19.41
CA ASN A 83 -1.71 0.75 -20.01
C ASN A 83 -2.65 1.37 -18.98
N VAL A 84 -2.22 1.43 -17.74
CA VAL A 84 -3.05 1.90 -16.63
C VAL A 84 -2.46 3.13 -15.99
N LEU A 85 -1.20 3.05 -15.59
CA LEU A 85 -0.54 4.15 -14.88
C LEU A 85 0.09 5.19 -15.80
N PRO A 86 0.23 6.42 -15.30
CA PRO A 86 1.11 7.33 -16.05
C PRO A 86 2.54 6.85 -15.94
N GLU A 87 3.37 7.34 -16.85
CA GLU A 87 4.78 6.97 -16.93
C GLU A 87 5.55 7.27 -15.63
N TRP A 88 5.26 8.43 -15.04
CA TRP A 88 5.86 8.84 -13.78
C TRP A 88 4.81 8.78 -12.68
N VAL A 89 5.22 8.27 -11.51
CA VAL A 89 4.31 8.04 -10.41
C VAL A 89 5.00 8.39 -9.11
N ARG A 90 4.22 8.42 -8.03
CA ARG A 90 4.82 8.28 -6.71
C ARG A 90 4.29 6.99 -6.10
N VAL A 91 5.04 6.43 -5.17
CA VAL A 91 4.64 5.20 -4.48
C VAL A 91 4.47 5.49 -3.00
N GLY A 92 3.57 4.77 -2.36
CA GLY A 92 3.27 5.08 -0.98
C GLY A 92 2.53 4.00 -0.23
N LEU A 93 2.30 4.30 1.04
CA LEU A 93 1.48 3.48 1.92
C LEU A 93 0.34 4.36 2.43
N SER A 94 -0.84 3.77 2.58
CA SER A 94 -2.02 4.50 3.03
C SER A 94 -2.76 3.65 4.06
N ALA A 95 -3.45 4.28 5.00
CA ALA A 95 -4.32 3.51 5.90
C ALA A 95 -5.42 4.40 6.44
N THR A 96 -6.48 3.75 6.92
CA THR A 96 -7.60 4.47 7.50
C THR A 96 -8.20 3.74 8.68
N THR A 97 -9.00 4.50 9.41
CA THR A 97 -9.98 3.98 10.35
C THR A 97 -11.29 4.69 10.04
N GLY A 98 -12.37 4.20 10.63
CA GLY A 98 -13.70 4.74 10.42
C GLY A 98 -14.44 4.77 11.73
N LEU A 99 -15.63 4.17 11.76
CA LEU A 99 -16.30 3.98 13.03
C LEU A 99 -15.47 3.04 13.90
N TYR A 100 -14.89 2.02 13.27
CA TYR A 100 -14.02 1.09 13.96
C TYR A 100 -12.56 1.43 13.68
N LYS A 101 -11.67 0.89 14.50
CA LYS A 101 -10.30 1.37 14.46
C LYS A 101 -9.25 0.30 14.75
N GLU A 102 -7.99 0.67 14.49
CA GLU A 102 -6.86 -0.22 14.71
C GLU A 102 -5.65 0.67 14.58
N THR A 103 -4.56 0.24 15.19
CA THR A 103 -3.26 0.84 14.85
C THR A 103 -2.89 0.42 13.42
N ASN A 104 -2.34 1.37 12.67
CA ASN A 104 -1.84 1.08 11.34
C ASN A 104 -0.34 1.38 11.27
N THR A 105 0.41 0.57 12.01
CA THR A 105 1.80 0.88 12.30
C THR A 105 2.68 0.17 11.28
N ILE A 106 3.55 0.94 10.61
CA ILE A 106 4.50 0.39 9.65
C ILE A 106 5.87 0.33 10.32
N LEU A 107 6.48 -0.85 10.30
CA LEU A 107 7.77 -1.08 10.95
CA LEU A 107 7.76 -1.07 10.95
C LEU A 107 8.92 -1.01 9.96
N SER A 108 8.64 -1.29 8.68
CA SER A 108 9.65 -1.22 7.63
C SER A 108 8.95 -1.16 6.28
N TRP A 109 9.67 -0.64 5.29
CA TRP A 109 9.13 -0.51 3.93
C TRP A 109 10.31 -0.42 2.97
N SER A 110 10.28 -1.26 1.95
CA SER A 110 11.28 -1.21 0.88
C SER A 110 10.58 -1.25 -0.46
N PHE A 111 11.28 -0.75 -1.47
CA PHE A 111 10.74 -0.67 -2.83
C PHE A 111 11.91 -0.68 -3.79
N THR A 112 11.73 -1.39 -4.90
CA THR A 112 12.70 -1.37 -6.00
C THR A 112 11.96 -1.28 -7.30
N SER A 113 12.40 -0.39 -8.19
CA SER A 113 11.88 -0.31 -9.54
CA SER A 113 11.88 -0.33 -9.55
C SER A 113 13.04 -0.28 -10.51
N LYS A 114 12.87 -0.95 -11.65
CA LYS A 114 13.92 -1.02 -12.66
C LYS A 114 13.30 -0.88 -14.02
N LEU A 115 13.98 -0.11 -14.87
CA LEU A 115 13.63 0.00 -16.28
C LEU A 115 14.85 -0.45 -17.05
N LYS A 116 14.69 -1.53 -17.82
CA LYS A 116 15.80 -2.04 -18.59
C LYS A 116 15.53 -1.71 -20.04
N SER A 117 16.42 -0.93 -20.66
CA SER A 117 16.21 -0.53 -22.05
C SER A 117 16.73 -1.57 -23.06
N ASN A 118 16.41 -1.34 -24.32
CA ASN A 118 16.90 -2.19 -25.40
C ASN A 118 18.37 -1.94 -25.66
N SER A 119 18.88 -0.80 -25.18
CA SER A 119 20.30 -0.52 -25.30
C SER A 119 21.05 -1.41 -24.33
N THR A 120 22.04 -2.14 -24.84
CA THR A 120 22.70 -3.19 -24.06
C THR A 120 23.33 -2.66 -22.76
N HIS A 121 23.01 -3.31 -21.64
CA HIS A 121 23.57 -2.95 -20.34
C HIS A 121 23.17 -1.55 -19.86
N GLU A 122 22.01 -1.08 -20.32
CA GLU A 122 21.51 0.20 -19.84
CA GLU A 122 21.49 0.20 -19.88
C GLU A 122 20.23 0.01 -19.01
N THR A 123 20.34 0.28 -17.73
CA THR A 123 19.21 0.14 -16.80
C THR A 123 19.12 1.41 -15.99
N ASN A 124 17.89 1.87 -15.72
CA ASN A 124 17.68 2.88 -14.71
C ASN A 124 17.01 2.16 -13.55
N ALA A 125 17.33 2.57 -12.34
CA ALA A 125 16.76 1.87 -11.17
C ALA A 125 16.64 2.79 -9.96
N LEU A 126 15.67 2.47 -9.10
CA LEU A 126 15.54 3.13 -7.81
C LEU A 126 15.27 2.06 -6.77
N HIS A 127 15.96 2.18 -5.64
CA HIS A 127 15.68 1.31 -4.51
C HIS A 127 15.75 2.14 -3.24
N PHE A 128 14.78 1.92 -2.35
CA PHE A 128 14.90 2.47 -1.01
C PHE A 128 14.47 1.44 0.03
N MET A 129 15.01 1.60 1.23
CA MET A 129 14.65 0.75 2.36
C MET A 129 14.61 1.54 3.63
N PHE A 130 13.49 1.42 4.36
CA PHE A 130 13.32 2.02 5.66
C PHE A 130 13.14 0.90 6.67
N ASN A 131 14.02 0.83 7.67
CA ASN A 131 13.76 -0.06 8.83
C ASN A 131 13.60 0.75 10.10
N GLN A 132 13.84 2.04 9.99
CA GLN A 132 13.46 2.94 11.06
C GLN A 132 13.03 4.28 10.47
N PHE A 133 12.09 4.92 11.14
CA PHE A 133 11.57 6.20 10.69
C PHE A 133 11.82 7.21 11.80
N SER A 134 12.44 8.33 11.46
CA SER A 134 12.72 9.37 12.45
CA SER A 134 12.71 9.36 12.46
C SER A 134 11.59 10.38 12.49
N LYS A 135 11.57 11.22 13.52
CA LYS A 135 10.58 12.28 13.67
C LYS A 135 10.60 13.23 12.49
N ASP A 136 11.77 13.43 11.90
CA ASP A 136 11.88 14.25 10.69
C ASP A 136 12.46 13.41 9.54
N GLN A 137 11.57 12.68 8.88
CA GLN A 137 11.99 11.75 7.86
C GLN A 137 11.84 12.46 6.51
N LYS A 138 12.89 13.19 6.13
CA LYS A 138 12.81 14.14 5.02
C LYS A 138 12.55 13.53 3.65
N ASP A 139 12.81 12.23 3.50
CA ASP A 139 12.63 11.57 2.20
C ASP A 139 11.23 10.93 2.10
N LEU A 140 10.38 11.26 3.07
CA LEU A 140 8.96 10.89 3.00
C LEU A 140 8.06 12.12 2.93
N ILE A 141 7.01 12.02 2.11
CA ILE A 141 5.95 13.01 2.12
C ILE A 141 4.79 12.42 2.93
N LEU A 142 4.52 13.02 4.10
CA LEU A 142 3.45 12.56 4.96
C LEU A 142 2.18 13.34 4.68
N GLN A 143 1.08 12.63 4.49
CA GLN A 143 -0.19 13.28 4.24
C GLN A 143 -1.20 12.87 5.31
N GLY A 144 -2.13 13.76 5.61
CA GLY A 144 -3.19 13.46 6.54
C GLY A 144 -2.64 13.27 7.94
N ASP A 145 -3.07 12.21 8.60
CA ASP A 145 -2.72 11.99 10.00
C ASP A 145 -1.40 11.24 10.22
N ALA A 146 -0.69 10.91 9.14
CA ALA A 146 0.50 10.08 9.24
C ALA A 146 1.64 10.81 10.00
N THR A 147 2.30 10.08 10.88
CA THR A 147 3.45 10.59 11.64
C THR A 147 4.58 9.57 11.66
N THR A 148 5.82 10.06 11.83
CA THR A 148 6.97 9.17 11.96
C THR A 148 7.70 9.45 13.26
N GLY A 149 8.39 8.43 13.75
CA GLY A 149 9.25 8.58 14.90
C GLY A 149 8.76 7.95 16.19
N ARG A 150 7.47 7.65 16.30
CA ARG A 150 6.98 7.03 17.53
C ARG A 150 7.56 5.61 17.59
N ASP A 151 8.43 5.36 18.57
CA ASP A 151 9.16 4.10 18.66
C ASP A 151 9.87 3.76 17.34
N GLY A 152 10.28 4.79 16.60
CA GLY A 152 11.00 4.60 15.36
C GLY A 152 10.14 4.06 14.23
N ASN A 153 8.83 4.14 14.40
CA ASN A 153 7.90 3.62 13.41
C ASN A 153 7.17 4.68 12.60
N LEU A 154 6.45 4.24 11.58
CA LEU A 154 5.56 5.10 10.81
C LEU A 154 4.13 4.77 11.22
N GLU A 155 3.43 5.72 11.82
CA GLU A 155 2.04 5.51 12.23
C GLU A 155 1.16 6.17 11.18
N LEU A 156 0.49 5.37 10.35
CA LEU A 156 -0.23 5.96 9.22
C LEU A 156 -1.46 6.70 9.70
N THR A 157 -2.09 6.17 10.75
CA THR A 157 -3.28 6.80 11.29
C THR A 157 -3.10 7.22 12.74
N ARG A 158 -4.01 8.07 13.21
CA ARG A 158 -3.86 8.75 14.49
C ARG A 158 -3.89 7.76 15.67
N VAL A 159 -2.90 7.88 16.55
CA VAL A 159 -2.83 7.12 17.79
C VAL A 159 -2.63 8.12 18.94
N SER A 160 -3.35 7.92 20.03
CA SER A 160 -3.26 8.85 21.16
C SER A 160 -1.94 8.69 21.90
N SER A 161 -1.72 9.54 22.90
CA SER A 161 -0.49 9.46 23.68
C SER A 161 -0.31 8.08 24.28
N ASN A 162 -1.41 7.49 24.72
CA ASN A 162 -1.36 6.22 25.44
C ASN A 162 -1.36 5.00 24.51
N GLY A 163 -1.39 5.23 23.21
CA GLY A 163 -1.28 4.17 22.23
C GLY A 163 -2.60 3.75 21.60
N SER A 164 -3.69 4.41 21.98
CA SER A 164 -5.02 4.01 21.53
C SER A 164 -5.28 4.53 20.13
N PRO A 165 -5.64 3.64 19.19
CA PRO A 165 -6.00 4.12 17.85
C PRO A 165 -7.28 4.95 17.86
N GLN A 166 -7.34 5.96 17.01
CA GLN A 166 -8.51 6.83 16.92
C GLN A 166 -9.31 6.53 15.66
N GLY A 167 -10.62 6.76 15.72
CA GLY A 167 -11.47 6.58 14.56
C GLY A 167 -11.42 7.74 13.57
N SER A 168 -12.06 7.54 12.43
CA SER A 168 -12.17 8.55 11.38
C SER A 168 -10.82 9.17 11.01
N SER A 169 -9.80 8.33 10.91
CA SER A 169 -8.46 8.81 10.60
C SER A 169 -8.02 8.29 9.24
N VAL A 170 -7.20 9.10 8.56
CA VAL A 170 -6.59 8.73 7.28
C VAL A 170 -5.18 9.35 7.23
N GLY A 171 -4.21 8.57 6.75
CA GLY A 171 -2.88 9.10 6.58
C GLY A 171 -2.13 8.31 5.54
N ARG A 172 -1.18 8.97 4.87
CA ARG A 172 -0.37 8.31 3.86
C ARG A 172 1.06 8.78 3.97
N ALA A 173 1.97 7.94 3.49
CA ALA A 173 3.38 8.30 3.35
C ALA A 173 3.82 7.95 1.94
N LEU A 174 4.39 8.92 1.23
CA LEU A 174 4.85 8.71 -0.15
C LEU A 174 6.34 8.94 -0.22
N PHE A 175 7.03 8.16 -1.02
CA PHE A 175 8.46 8.41 -1.18
C PHE A 175 8.66 9.76 -1.89
N TYR A 176 9.68 10.49 -1.47
CA TYR A 176 9.81 11.87 -1.91
C TYR A 176 10.07 11.98 -3.41
N ALA A 177 10.89 11.10 -3.96
CA ALA A 177 11.22 11.16 -5.40
C ALA A 177 10.13 10.55 -6.28
N PRO A 178 9.82 11.21 -7.40
CA PRO A 178 8.99 10.52 -8.37
C PRO A 178 9.72 9.30 -8.94
N VAL A 179 8.93 8.33 -9.41
CA VAL A 179 9.45 7.07 -9.88
C VAL A 179 9.02 6.88 -11.32
N HIS A 180 9.96 6.50 -12.18
CA HIS A 180 9.67 6.27 -13.59
C HIS A 180 9.28 4.81 -13.73
N ILE A 181 7.96 4.56 -13.68
CA ILE A 181 7.45 3.21 -13.50
C ILE A 181 7.39 2.41 -14.80
N TRP A 182 7.28 3.10 -15.93
CA TRP A 182 7.34 2.45 -17.24
C TRP A 182 7.80 3.45 -18.27
N GLU A 183 8.19 2.92 -19.41
CA GLU A 183 8.64 3.73 -20.53
C GLU A 183 8.38 2.90 -21.77
N SER A 184 7.85 3.52 -22.81
CA SER A 184 7.49 2.81 -24.04
CA SER A 184 7.48 2.77 -24.00
C SER A 184 8.67 2.03 -24.62
N SER A 185 9.86 2.61 -24.52
CA SER A 185 11.07 1.99 -25.09
C SER A 185 11.79 1.01 -24.15
N ALA A 186 11.23 0.76 -22.97
CA ALA A 186 11.84 -0.19 -22.05
C ALA A 186 11.48 -1.62 -22.46
N VAL A 187 12.44 -2.54 -22.36
CA VAL A 187 12.17 -3.94 -22.63
C VAL A 187 11.59 -4.65 -21.41
N VAL A 188 12.08 -4.31 -20.22
CA VAL A 188 11.47 -4.78 -18.99
C VAL A 188 11.31 -3.61 -18.03
N ALA A 189 10.15 -3.53 -17.39
CA ALA A 189 9.94 -2.63 -16.29
C ALA A 189 9.45 -3.51 -15.17
N SER A 190 10.06 -3.42 -14.01
CA SER A 190 9.63 -4.27 -12.90
C SER A 190 9.64 -3.47 -11.63
N PHE A 191 8.81 -3.89 -10.68
CA PHE A 191 8.94 -3.35 -9.34
C PHE A 191 8.59 -4.39 -8.31
N ASP A 192 9.10 -4.16 -7.11
CA ASP A 192 8.80 -4.96 -5.94
CA ASP A 192 8.80 -4.97 -5.96
C ASP A 192 8.65 -4.02 -4.77
N ALA A 193 7.77 -4.39 -3.84
CA ALA A 193 7.66 -3.64 -2.60
C ALA A 193 7.42 -4.61 -1.48
N THR A 194 7.96 -4.28 -0.31
CA THR A 194 7.73 -5.07 0.90
C THR A 194 7.49 -4.11 2.04
N PHE A 195 6.55 -4.44 2.92
CA PHE A 195 6.46 -3.68 4.15
C PHE A 195 6.04 -4.60 5.27
N THR A 196 6.45 -4.24 6.49
CA THR A 196 6.01 -4.95 7.69
C THR A 196 5.15 -4.00 8.51
N PHE A 197 4.15 -4.57 9.19
CA PHE A 197 3.11 -3.78 9.83
C PHE A 197 2.63 -4.47 11.10
N LEU A 198 2.10 -3.66 12.01
CA LEU A 198 1.49 -4.20 13.21
C LEU A 198 0.13 -3.57 13.36
N ILE A 199 -0.91 -4.38 13.15
CA ILE A 199 -2.27 -3.93 13.30
C ILE A 199 -2.81 -4.51 14.59
N LYS A 200 -3.27 -3.64 15.47
CA LYS A 200 -3.79 -4.04 16.78
C LYS A 200 -5.10 -3.34 17.03
N SER A 201 -6.04 -4.07 17.59
CA SER A 201 -7.34 -3.52 17.91
C SER A 201 -7.81 -4.10 19.24
N SER A 202 -8.40 -3.26 20.08
CA SER A 202 -8.84 -3.75 21.39
C SER A 202 -10.26 -4.27 21.37
N ASP A 203 -11.13 -3.59 20.63
CA ASP A 203 -12.57 -3.79 20.77
C ASP A 203 -13.18 -4.77 19.76
N SER A 204 -14.43 -4.50 19.38
CA SER A 204 -15.18 -5.35 18.45
C SER A 204 -14.96 -4.92 17.01
N HIS A 205 -13.95 -5.51 16.37
CA HIS A 205 -13.66 -5.29 14.96
C HIS A 205 -12.52 -4.31 14.71
N PRO A 206 -11.42 -4.82 14.15
CA PRO A 206 -10.46 -3.88 13.57
C PRO A 206 -11.03 -3.23 12.29
N ALA A 207 -10.61 -2.01 11.99
CA ALA A 207 -10.86 -1.39 10.67
C ALA A 207 -9.84 -0.27 10.53
N ASP A 208 -9.50 0.13 9.30
CA ASP A 208 -10.12 -0.36 8.05
C ASP A 208 -9.11 -1.09 7.16
N GLY A 209 -7.82 -0.80 7.36
CA GLY A 209 -6.77 -1.52 6.66
C GLY A 209 -5.62 -0.64 6.20
N ILE A 210 -4.67 -1.29 5.53
CA ILE A 210 -3.44 -0.64 5.03
C ILE A 210 -3.31 -0.99 3.56
N ALA A 211 -2.79 -0.06 2.75
CA ALA A 211 -2.57 -0.36 1.32
C ALA A 211 -1.20 0.14 0.90
N PHE A 212 -0.58 -0.61 -0.01
CA PHE A 212 0.56 -0.08 -0.77
C PHE A 212 -0.04 0.44 -2.06
N PHE A 213 0.35 1.63 -2.50
CA PHE A 213 -0.28 2.19 -3.70
C PHE A 213 0.73 2.90 -4.62
N ILE A 214 0.36 3.00 -5.89
CA ILE A 214 1.13 3.73 -6.88
C ILE A 214 0.14 4.71 -7.48
N SER A 215 0.52 5.98 -7.60
CA SER A 215 -0.38 7.07 -7.98
CA SER A 215 -0.42 6.98 -8.12
C SER A 215 0.28 8.06 -8.92
N ASN A 216 -0.52 8.95 -9.52
CA ASN A 216 0.07 10.10 -10.19
C ASN A 216 0.97 10.86 -9.18
N ILE A 217 1.96 11.56 -9.70
CA ILE A 217 2.97 12.17 -8.83
C ILE A 217 2.38 13.17 -7.84
N ASP A 218 1.31 13.85 -8.23
CA ASP A 218 0.70 14.88 -7.41
C ASP A 218 -0.49 14.39 -6.58
N SER A 219 -0.55 13.09 -6.36
CA SER A 219 -1.66 12.50 -5.61
C SER A 219 -1.75 13.01 -4.17
N SER A 220 -2.98 13.29 -3.77
CA SER A 220 -3.29 13.72 -2.42
CA SER A 220 -3.29 13.73 -2.42
C SER A 220 -4.47 12.90 -1.91
N ILE A 221 -4.66 12.90 -0.60
CA ILE A 221 -5.79 12.19 -0.01
C ILE A 221 -7.11 12.75 -0.55
N PRO A 222 -7.94 11.89 -1.17
CA PRO A 222 -9.22 12.44 -1.65
C PRO A 222 -10.12 12.84 -0.48
N SER A 223 -10.88 13.90 -0.67
CA SER A 223 -11.83 14.36 0.33
CA SER A 223 -11.81 14.35 0.34
C SER A 223 -12.76 13.22 0.73
N GLY A 224 -12.93 13.03 2.04
CA GLY A 224 -13.89 12.06 2.54
C GLY A 224 -13.48 10.61 2.39
N SER A 225 -12.19 10.34 2.26
CA SER A 225 -11.75 8.97 2.01
C SER A 225 -11.26 8.21 3.26
N THR A 226 -11.79 8.57 4.42
CA THR A 226 -11.56 7.76 5.61
C THR A 226 -12.33 6.44 5.50
N GLY A 227 -12.21 5.57 6.51
CA GLY A 227 -12.95 4.32 6.53
C GLY A 227 -12.71 3.43 5.32
N ARG A 228 -13.79 2.94 4.71
CA ARG A 228 -13.71 1.91 3.70
C ARG A 228 -12.98 2.31 2.42
N LEU A 229 -12.76 3.62 2.20
CA LEU A 229 -12.11 4.09 0.98
C LEU A 229 -10.58 4.11 1.09
N LEU A 230 -10.07 3.81 2.28
CA LEU A 230 -8.64 3.52 2.50
C LEU A 230 -7.68 4.66 2.17
N GLY A 231 -8.20 5.89 2.13
CA GLY A 231 -7.40 7.06 1.79
C GLY A 231 -6.96 7.11 0.32
N LEU A 232 -7.59 6.29 -0.51
CA LEU A 232 -7.18 6.11 -1.90
C LEU A 232 -8.14 6.63 -2.96
N PHE A 233 -9.44 6.52 -2.69
CA PHE A 233 -10.47 6.78 -3.69
C PHE A 233 -11.49 7.79 -3.18
N PRO A 234 -12.03 8.61 -4.09
CA PRO A 234 -13.00 9.62 -3.67
C PRO A 234 -14.41 9.05 -3.49
N ASP A 235 -14.65 7.86 -4.01
CA ASP A 235 -15.96 7.24 -3.92
C ASP A 235 -15.78 5.75 -4.12
N ALA A 236 -16.88 4.99 -4.10
CA ALA A 236 -16.78 3.55 -4.17
C ALA A 236 -17.16 3.00 -5.55
N ASN A 237 -17.04 3.84 -6.58
CA ASN A 237 -17.37 3.38 -7.93
C ASN A 237 -16.39 2.29 -8.39
#